data_7OSD
#
_entry.id   7OSD
#
_entity_poly.entity_id   1
_entity_poly.type   'polypeptide(L)'
_entity_poly.pdbx_seq_one_letter_code
;FVPWFKKF(DLE)ERIL(NH2)
;
_entity_poly.pdbx_strand_id   A
#
loop_
_chem_comp.id
_chem_comp.type
_chem_comp.name
_chem_comp.formula
NH2 non-polymer 'AMINO GROUP' 'H2 N'
#
# COMPACT_ATOMS: atom_id res chain seq x y z
N PHE A 1 -6.78 5.37 -7.81
CA PHE A 1 -5.46 4.67 -7.76
C PHE A 1 -5.57 3.19 -7.29
N VAL A 2 -4.78 2.28 -7.89
CA VAL A 2 -4.72 0.85 -7.46
C VAL A 2 -3.34 0.62 -6.77
N PRO A 3 -3.19 0.61 -5.41
CA PRO A 3 -1.86 0.37 -4.76
C PRO A 3 -1.50 -1.15 -4.70
N TRP A 4 -0.91 -1.69 -5.77
CA TRP A 4 -0.61 -3.15 -5.89
C TRP A 4 0.52 -3.63 -4.89
N PHE A 5 1.80 -3.32 -5.14
CA PHE A 5 2.86 -3.37 -4.10
C PHE A 5 2.88 -2.18 -3.08
N LYS A 6 2.37 -0.98 -3.46
CA LYS A 6 2.27 0.20 -2.54
C LYS A 6 1.34 0.03 -1.28
N LYS A 7 0.30 -0.84 -1.30
CA LYS A 7 -0.55 -1.15 -0.11
C LYS A 7 0.23 -1.64 1.16
N PHE A 8 1.21 -2.56 1.06
CA PHE A 8 2.11 -2.94 2.19
C PHE A 8 2.68 -1.77 3.07
N DLE A 9 3.29 -0.73 2.46
CA DLE A 9 3.61 0.58 3.11
CB DLE A 9 4.98 0.49 3.87
CG DLE A 9 6.26 0.50 2.98
CD1 DLE A 9 7.50 0.12 3.81
CD2 DLE A 9 6.52 1.87 2.32
C DLE A 9 2.43 1.22 3.93
O DLE A 9 2.44 1.31 5.16
H DLE A 9 3.33 -0.85 1.43
HA DLE A 9 3.77 1.29 2.29
HB2 DLE A 9 4.96 -0.41 4.50
HB3 DLE A 9 5.05 1.33 4.58
HG DLE A 9 6.14 -0.26 2.19
HD11 DLE A 9 8.41 0.08 3.19
HD12 DLE A 9 7.39 -0.89 4.27
HD13 DLE A 9 7.69 0.83 4.63
HD21 DLE A 9 5.71 2.16 1.62
HD22 DLE A 9 7.45 1.86 1.73
HD23 DLE A 9 6.60 2.68 3.06
N GLU A 10 1.37 1.63 3.21
CA GLU A 10 0.14 2.24 3.79
C GLU A 10 -0.97 1.24 4.28
N ARG A 11 -0.59 0.21 5.07
CA ARG A 11 -1.52 -0.82 5.62
C ARG A 11 -1.16 -1.14 7.10
N ILE A 12 0.07 -1.59 7.39
CA ILE A 12 0.58 -1.69 8.80
C ILE A 12 0.72 -0.27 9.48
N LEU A 13 1.32 0.73 8.79
CA LEU A 13 1.49 2.10 9.30
C LEU A 13 1.40 3.16 8.14
N NH2 A 14 0.22 3.42 7.60
HN1 NH2 A 14 0.25 4.13 6.87
HN2 NH2 A 14 -0.57 2.84 7.90
N PHE A 1 -4.41 8.13 -6.93
CA PHE A 1 -3.44 7.01 -7.12
C PHE A 1 -4.07 5.61 -6.84
N VAL A 2 -3.55 4.56 -7.51
CA VAL A 2 -4.06 3.16 -7.33
C VAL A 2 -2.98 2.35 -6.51
N PRO A 3 -3.07 2.17 -5.16
CA PRO A 3 -2.04 1.41 -4.39
C PRO A 3 -2.15 -0.15 -4.52
N TRP A 4 -1.43 -0.71 -5.50
CA TRP A 4 -1.32 -2.19 -5.71
C TRP A 4 -0.29 -2.83 -4.73
N PHE A 5 0.99 -2.99 -5.12
CA PHE A 5 2.06 -3.53 -4.23
C PHE A 5 2.70 -2.49 -3.26
N LYS A 6 2.67 -1.16 -3.52
CA LYS A 6 2.90 -0.13 -2.47
C LYS A 6 1.94 -0.18 -1.23
N LYS A 7 0.68 -0.68 -1.35
CA LYS A 7 -0.25 -0.89 -0.19
C LYS A 7 0.36 -1.54 1.09
N PHE A 8 1.34 -2.47 1.03
CA PHE A 8 2.28 -2.77 2.17
C PHE A 8 2.52 -1.64 3.25
N DLE A 9 3.13 -0.49 2.86
CA DLE A 9 3.40 0.66 3.78
CB DLE A 9 4.51 0.24 4.81
CG DLE A 9 5.37 1.38 5.40
CD1 DLE A 9 6.43 1.87 4.39
CD2 DLE A 9 6.09 0.90 6.68
C DLE A 9 2.12 1.34 4.39
O DLE A 9 1.98 1.50 5.61
H DLE A 9 3.33 -0.46 1.86
HA DLE A 9 3.85 1.44 3.14
HB2 DLE A 9 5.19 -0.51 4.37
HB3 DLE A 9 4.00 -0.30 5.63
HG DLE A 9 4.72 2.23 5.68
HD11 DLE A 9 7.11 1.06 4.07
HD12 DLE A 9 7.06 2.68 4.80
HD13 DLE A 9 5.97 2.29 3.47
HD21 DLE A 9 6.71 1.70 7.12
HD22 DLE A 9 6.75 0.03 6.48
HD23 DLE A 9 5.37 0.59 7.46
N GLU A 10 1.15 1.72 3.53
CA GLU A 10 -0.22 2.14 3.96
C GLU A 10 -1.07 1.10 4.78
N ARG A 11 -0.89 -0.22 4.57
CA ARG A 11 -1.50 -1.31 5.38
C ARG A 11 -0.94 -1.47 6.83
N ILE A 12 0.39 -1.39 7.03
CA ILE A 12 1.00 -1.30 8.39
C ILE A 12 0.68 0.08 9.09
N LEU A 13 0.89 1.23 8.42
CA LEU A 13 0.75 2.57 9.05
C LEU A 13 -0.55 3.29 8.58
N NH2 A 14 -0.67 3.78 7.36
HN1 NH2 A 14 -1.62 4.07 7.13
HN2 NH2 A 14 0.07 3.50 6.70
N PHE A 1 -0.93 4.87 -9.24
CA PHE A 1 -2.21 4.27 -9.72
C PHE A 1 -3.07 3.78 -8.49
N VAL A 2 -3.61 2.54 -8.51
CA VAL A 2 -4.15 1.86 -7.30
C VAL A 2 -2.98 1.41 -6.33
N PRO A 3 -3.14 1.35 -4.98
CA PRO A 3 -2.13 0.73 -4.08
C PRO A 3 -2.04 -0.83 -4.25
N TRP A 4 -1.22 -1.27 -5.21
CA TRP A 4 -1.02 -2.71 -5.53
C TRP A 4 0.14 -3.28 -4.66
N PHE A 5 1.41 -3.12 -5.07
CA PHE A 5 2.59 -3.29 -4.18
C PHE A 5 2.78 -2.15 -3.11
N LYS A 6 2.43 -0.88 -3.43
CA LYS A 6 2.38 0.23 -2.42
C LYS A 6 1.43 0.03 -1.18
N LYS A 7 0.35 -0.80 -1.26
CA LYS A 7 -0.46 -1.19 -0.07
C LYS A 7 0.31 -1.77 1.15
N PHE A 8 1.38 -2.59 0.99
CA PHE A 8 2.28 -2.97 2.13
C PHE A 8 2.75 -1.78 3.05
N DLE A 9 3.36 -0.73 2.48
CA DLE A 9 3.70 0.54 3.20
CB DLE A 9 4.99 0.31 4.06
CG DLE A 9 6.16 1.32 3.84
CD1 DLE A 9 6.81 1.16 2.46
CD2 DLE A 9 7.23 1.14 4.92
C DLE A 9 2.49 1.26 3.91
O DLE A 9 2.51 1.57 5.10
H DLE A 9 3.49 -0.84 1.47
HA DLE A 9 3.98 1.25 2.40
HB2 DLE A 9 5.40 -0.71 3.92
HB3 DLE A 9 4.70 0.31 5.13
HG DLE A 9 5.75 2.36 3.92
HD11 DLE A 9 7.64 1.87 2.30
HD12 DLE A 9 6.10 1.32 1.63
HD13 DLE A 9 7.23 0.14 2.31
HD21 DLE A 9 7.67 0.12 4.90
HD22 DLE A 9 6.82 1.29 5.94
HD23 DLE A 9 8.07 1.85 4.80
N GLU A 10 1.41 1.51 3.15
CA GLU A 10 0.13 2.08 3.66
C GLU A 10 -0.95 1.01 4.12
N ARG A 11 -0.55 0.03 4.95
CA ARG A 11 -1.47 -0.97 5.57
C ARG A 11 -1.18 -1.20 7.09
N ILE A 12 0.09 -1.47 7.50
CA ILE A 12 0.50 -1.43 8.93
C ILE A 12 0.33 0.01 9.58
N LEU A 13 0.69 1.09 8.86
CA LEU A 13 0.64 2.48 9.39
C LEU A 13 0.14 3.52 8.33
N NH2 A 14 0.80 3.77 7.22
HN1 NH2 A 14 0.38 4.53 6.67
HN2 NH2 A 14 1.71 3.31 7.09
N PHE A 1 -0.99 4.86 -9.08
CA PHE A 1 -2.29 4.39 -9.61
C PHE A 1 -3.19 3.85 -8.44
N VAL A 2 -3.70 2.61 -8.48
CA VAL A 2 -4.25 1.92 -7.27
C VAL A 2 -3.09 1.42 -6.33
N PRO A 3 -3.24 1.34 -4.96
CA PRO A 3 -2.24 0.71 -4.08
C PRO A 3 -2.16 -0.86 -4.25
N TRP A 4 -1.35 -1.29 -5.22
CA TRP A 4 -1.11 -2.73 -5.50
C TRP A 4 0.08 -3.25 -4.62
N PHE A 5 1.33 -3.09 -5.08
CA PHE A 5 2.54 -3.24 -4.20
C PHE A 5 2.82 -2.05 -3.23
N LYS A 6 2.38 -0.81 -3.53
CA LYS A 6 2.34 0.30 -2.52
C LYS A 6 1.46 0.03 -1.23
N LYS A 7 0.39 -0.82 -1.29
CA LYS A 7 -0.39 -1.20 -0.07
C LYS A 7 0.41 -1.76 1.14
N PHE A 8 1.43 -2.62 0.98
CA PHE A 8 2.31 -3.05 2.13
C PHE A 8 2.80 -1.88 3.08
N DLE A 9 3.34 -0.78 2.50
CA DLE A 9 3.67 0.48 3.24
CB DLE A 9 5.00 0.23 4.03
CG DLE A 9 5.88 1.42 4.50
CD1 DLE A 9 5.40 2.02 5.83
CD2 DLE A 9 6.09 2.54 3.46
C DLE A 9 2.42 1.11 3.97
O DLE A 9 2.32 1.16 5.20
H DLE A 9 3.35 -0.84 1.48
HA DLE A 9 3.94 1.20 2.45
HB2 DLE A 9 5.67 -0.37 3.38
HB3 DLE A 9 4.80 -0.44 4.88
HG DLE A 9 6.88 0.99 4.71
HD11 DLE A 9 6.14 2.74 6.24
HD12 DLE A 9 5.27 1.24 6.60
HD13 DLE A 9 4.44 2.55 5.73
HD21 DLE A 9 6.83 3.27 3.80
HD22 DLE A 9 5.15 3.09 3.27
HD23 DLE A 9 6.45 2.14 2.50
N GLU A 10 1.42 1.54 3.16
CA GLU A 10 0.10 2.03 3.65
C GLU A 10 -0.94 0.89 4.04
N ARG A 11 -0.58 0.09 5.06
CA ARG A 11 -1.41 -1.03 5.60
C ARG A 11 -1.16 -1.22 7.13
N ILE A 12 0.09 -1.39 7.57
CA ILE A 12 0.47 -1.29 9.02
C ILE A 12 0.21 0.14 9.62
N LEU A 13 0.52 1.23 8.89
CA LEU A 13 0.31 2.63 9.36
C LEU A 13 -0.25 3.56 8.24
N NH2 A 14 0.47 3.92 7.19
HN1 NH2 A 14 0.00 4.62 6.61
HN2 NH2 A 14 1.46 3.69 7.22
N PHE A 1 -1.67 4.76 -9.10
CA PHE A 1 -2.93 4.09 -9.53
C PHE A 1 -3.71 3.54 -8.28
N VAL A 2 -4.15 2.27 -8.27
CA VAL A 2 -4.59 1.55 -7.03
C VAL A 2 -3.35 1.19 -6.13
N PRO A 3 -3.43 1.14 -4.76
CA PRO A 3 -2.35 0.56 -3.92
C PRO A 3 -2.22 -0.99 -4.10
N TRP A 4 -1.41 -1.40 -5.08
CA TRP A 4 -1.17 -2.82 -5.43
C TRP A 4 0.05 -3.35 -4.60
N PHE A 5 1.29 -3.13 -5.05
CA PHE A 5 2.51 -3.27 -4.20
C PHE A 5 2.72 -2.11 -3.16
N LYS A 6 2.31 -0.86 -3.50
CA LYS A 6 2.20 0.28 -2.54
C LYS A 6 1.30 0.06 -1.27
N LYS A 7 0.30 -0.85 -1.28
CA LYS A 7 -0.44 -1.25 -0.05
C LYS A 7 0.43 -1.73 1.15
N PHE A 8 1.44 -2.60 0.97
CA PHE A 8 2.42 -2.96 2.05
C PHE A 8 2.96 -1.77 2.93
N DLE A 9 3.50 -0.69 2.31
CA DLE A 9 3.86 0.58 3.01
CB DLE A 9 5.24 0.40 3.73
CG DLE A 9 6.48 1.16 3.17
CD1 DLE A 9 6.39 2.67 3.40
CD2 DLE A 9 6.77 0.86 1.69
C DLE A 9 2.69 1.24 3.85
O DLE A 9 2.83 1.50 5.05
H DLE A 9 3.53 -0.80 1.28
HA DLE A 9 4.02 1.32 2.20
HB2 DLE A 9 5.52 -0.67 3.79
HB3 DLE A 9 5.15 0.67 4.80
HG DLE A 9 7.36 0.79 3.74
HD11 DLE A 9 7.32 3.19 3.07
HD12 DLE A 9 6.26 2.92 4.47
HD13 DLE A 9 5.55 3.14 2.86
HD21 DLE A 9 6.00 1.28 1.01
HD22 DLE A 9 6.79 -0.23 1.49
HD23 DLE A 9 7.74 1.26 1.37
N GLU A 10 1.54 1.49 3.19
CA GLU A 10 0.31 2.01 3.85
C GLU A 10 -0.77 0.92 4.22
N ARG A 11 -0.36 -0.10 4.99
CA ARG A 11 -1.27 -1.17 5.51
C ARG A 11 -1.27 -1.20 7.07
N ILE A 12 -0.10 -1.40 7.72
CA ILE A 12 0.05 -1.30 9.20
C ILE A 12 -0.19 0.16 9.76
N LEU A 13 0.19 1.22 9.02
CA LEU A 13 0.05 2.64 9.47
C LEU A 13 -0.38 3.57 8.29
N NH2 A 14 0.45 3.94 7.34
HN1 NH2 A 14 0.06 4.64 6.70
HN2 NH2 A 14 1.44 3.68 7.46
N PHE A 1 1.75 4.21 -9.95
CA PHE A 1 0.50 4.03 -10.73
C PHE A 1 -0.72 3.82 -9.75
N VAL A 2 -1.41 2.67 -9.79
CA VAL A 2 -2.26 2.19 -8.64
C VAL A 2 -1.34 1.56 -7.51
N PRO A 3 -1.66 1.65 -6.19
CA PRO A 3 -0.81 1.04 -5.12
C PRO A 3 -0.88 -0.52 -5.01
N TRP A 4 -0.31 -1.23 -5.99
CA TRP A 4 -0.23 -2.72 -6.00
C TRP A 4 0.71 -3.28 -4.88
N PHE A 5 2.03 -3.03 -4.97
CA PHE A 5 2.96 -3.25 -3.83
C PHE A 5 2.93 -2.14 -2.71
N LYS A 6 2.70 -0.85 -3.05
CA LYS A 6 2.52 0.24 -2.03
C LYS A 6 1.32 0.10 -1.02
N LYS A 7 0.26 -0.69 -1.32
CA LYS A 7 -0.70 -1.19 -0.30
C LYS A 7 -0.11 -1.90 0.96
N PHE A 8 1.04 -2.61 0.90
CA PHE A 8 1.82 -3.03 2.11
C PHE A 8 2.26 -1.82 3.03
N DLE A 9 3.01 -0.85 2.47
CA DLE A 9 3.44 0.39 3.19
CB DLE A 9 4.70 0.08 4.07
CG DLE A 9 5.81 1.15 4.11
CD1 DLE A 9 7.11 0.56 4.70
CD2 DLE A 9 5.42 2.41 4.91
C DLE A 9 2.27 1.20 3.89
O DLE A 9 2.28 1.48 5.09
H DLE A 9 3.22 -1.01 1.49
HA DLE A 9 3.80 1.07 2.39
HB2 DLE A 9 5.18 -0.85 3.69
HB3 DLE A 9 4.39 -0.20 5.09
HG DLE A 9 6.05 1.47 3.06
HD11 DLE A 9 6.97 0.23 5.74
HD12 DLE A 9 7.94 1.30 4.70
HD13 DLE A 9 7.47 -0.31 4.12
HD21 DLE A 9 6.25 3.15 4.95
HD22 DLE A 9 5.14 2.16 5.94
HD23 DLE A 9 4.56 2.93 4.45
N GLU A 10 1.23 1.51 3.10
CA GLU A 10 -0.05 2.11 3.62
C GLU A 10 -1.06 1.15 4.36
N ARG A 11 -0.68 -0.09 4.72
CA ARG A 11 -1.47 -1.01 5.59
C ARG A 11 -0.89 -1.17 7.03
N ILE A 12 0.44 -1.38 7.20
CA ILE A 12 1.09 -1.37 8.55
C ILE A 12 1.07 0.05 9.23
N LEU A 13 1.46 1.12 8.51
CA LEU A 13 1.52 2.50 9.08
C LEU A 13 0.44 3.43 8.45
N NH2 A 14 0.44 3.72 7.16
HN1 NH2 A 14 -0.34 4.32 6.87
HN2 NH2 A 14 1.14 3.25 6.57
N PHE A 1 -2.10 4.20 -9.18
CA PHE A 1 -3.37 3.56 -9.59
C PHE A 1 -4.15 3.05 -8.32
N VAL A 2 -4.54 1.75 -8.26
CA VAL A 2 -4.90 1.08 -6.97
C VAL A 2 -3.60 0.77 -6.12
N PRO A 3 -3.61 0.78 -4.74
CA PRO A 3 -2.49 0.24 -3.94
C PRO A 3 -2.34 -1.31 -4.06
N TRP A 4 -1.52 -1.74 -5.04
CA TRP A 4 -1.22 -3.17 -5.29
C TRP A 4 0.06 -3.58 -4.49
N PHE A 5 1.26 -3.29 -5.02
CA PHE A 5 2.54 -3.31 -4.24
C PHE A 5 2.71 -2.11 -3.23
N LYS A 6 2.22 -0.89 -3.59
CA LYS A 6 2.10 0.27 -2.65
C LYS A 6 1.24 0.05 -1.35
N LYS A 7 0.28 -0.93 -1.31
CA LYS A 7 -0.43 -1.31 -0.05
C LYS A 7 0.48 -1.64 1.15
N PHE A 8 1.46 -2.57 1.05
CA PHE A 8 2.42 -2.91 2.16
C PHE A 8 2.94 -1.70 3.04
N DLE A 9 3.50 -0.66 2.41
CA DLE A 9 3.91 0.61 3.07
CB DLE A 9 5.27 0.38 3.81
CG DLE A 9 6.22 1.60 3.91
CD1 DLE A 9 6.86 1.96 2.55
CD2 DLE A 9 7.34 1.30 4.91
C DLE A 9 2.78 1.36 3.90
O DLE A 9 2.99 1.76 5.05
H DLE A 9 3.55 -0.79 1.39
HA DLE A 9 4.12 1.30 2.24
HB2 DLE A 9 5.84 -0.44 3.32
HB3 DLE A 9 5.05 -0.01 4.81
HG DLE A 9 5.65 2.47 4.28
HD11 DLE A 9 7.42 1.12 2.12
HD12 DLE A 9 7.56 2.80 2.65
HD13 DLE A 9 6.11 2.27 1.80
HD21 DLE A 9 7.96 0.43 4.61
HD22 DLE A 9 6.94 1.09 5.93
HD23 DLE A 9 8.03 2.16 5.02
N GLU A 10 1.59 1.53 3.30
CA GLU A 10 0.39 2.11 3.96
C GLU A 10 -0.70 1.11 4.50
N ARG A 11 -0.33 -0.12 4.90
CA ARG A 11 -1.28 -1.16 5.40
C ARG A 11 -1.30 -1.26 6.95
N ILE A 12 -0.13 -1.44 7.60
CA ILE A 12 0.00 -1.40 9.08
C ILE A 12 -0.18 0.05 9.68
N LEU A 13 0.38 1.09 9.03
CA LEU A 13 0.36 2.49 9.56
C LEU A 13 -0.61 3.40 8.72
N NH2 A 14 -0.34 3.75 7.48
HN1 NH2 A 14 -1.05 4.34 7.05
HN2 NH2 A 14 0.56 3.45 7.09
N PHE A 1 -3.91 6.18 -7.19
CA PHE A 1 -5.05 5.22 -7.12
C PHE A 1 -4.60 3.72 -7.20
N VAL A 2 -5.46 2.81 -6.73
CA VAL A 2 -5.21 1.33 -6.70
C VAL A 2 -3.83 0.88 -6.05
N PRO A 3 -3.67 0.79 -4.70
CA PRO A 3 -2.36 0.42 -4.10
C PRO A 3 -2.06 -1.11 -4.22
N TRP A 4 -1.29 -1.48 -5.26
CA TRP A 4 -0.92 -2.90 -5.54
C TRP A 4 0.22 -3.40 -4.59
N PHE A 5 1.49 -3.16 -4.93
CA PHE A 5 2.64 -3.25 -3.98
C PHE A 5 2.70 -2.11 -2.90
N LYS A 6 2.38 -0.85 -3.28
CA LYS A 6 2.24 0.31 -2.35
C LYS A 6 1.31 0.13 -1.08
N LYS A 7 0.29 -0.73 -1.15
CA LYS A 7 -0.48 -1.21 0.05
C LYS A 7 0.34 -1.85 1.20
N PHE A 8 1.44 -2.60 0.96
CA PHE A 8 2.38 -3.01 2.05
C PHE A 8 2.91 -1.81 2.93
N DLE A 9 3.43 -0.74 2.32
CA DLE A 9 3.75 0.53 3.05
CB DLE A 9 5.10 0.37 3.84
CG DLE A 9 6.39 1.03 3.26
CD1 DLE A 9 6.39 2.56 3.45
CD2 DLE A 9 6.67 0.67 1.79
C DLE A 9 2.53 1.17 3.83
O DLE A 9 2.58 1.36 5.05
H DLE A 9 3.46 -0.81 1.30
HA DLE A 9 3.95 1.29 2.25
HB2 DLE A 9 5.32 -0.70 3.99
HB3 DLE A 9 4.97 0.72 4.88
HG DLE A 9 7.23 0.63 3.85
HD11 DLE A 9 5.57 3.05 2.89
HD12 DLE A 9 7.34 3.01 3.12
HD13 DLE A 9 6.27 2.82 4.52
HD21 DLE A 9 5.95 1.13 1.09
HD22 DLE A 9 6.64 -0.43 1.62
HD23 DLE A 9 7.68 1.01 1.47
N GLU A 10 1.43 1.48 3.11
CA GLU A 10 0.19 2.05 3.71
C GLU A 10 -0.94 1.03 4.07
N ARG A 11 -0.59 -0.02 4.85
CA ARG A 11 -1.58 -0.93 5.52
C ARG A 11 -1.26 -1.11 7.04
N ILE A 12 0.00 -1.46 7.41
CA ILE A 12 0.44 -1.45 8.84
C ILE A 12 0.43 -0.01 9.47
N LEU A 13 1.02 0.99 8.80
CA LEU A 13 1.18 2.37 9.35
C LEU A 13 0.36 3.42 8.53
N NH2 A 14 0.67 3.73 7.28
HN1 NH2 A 14 0.08 4.45 6.87
HN2 NH2 A 14 1.48 3.26 6.86
N PHE A 1 -2.92 6.34 -7.69
CA PHE A 1 -3.33 5.15 -8.47
C PHE A 1 -3.62 3.88 -7.59
N VAL A 2 -4.05 2.78 -8.24
CA VAL A 2 -4.30 1.46 -7.58
C VAL A 2 -3.02 0.87 -6.85
N PRO A 3 -2.95 0.74 -5.49
CA PRO A 3 -1.67 0.41 -4.81
C PRO A 3 -1.37 -1.12 -4.68
N TRP A 4 -1.11 -1.82 -5.81
CA TRP A 4 -0.86 -3.30 -5.81
C TRP A 4 0.33 -3.78 -4.90
N PHE A 5 1.56 -3.31 -5.15
CA PHE A 5 2.70 -3.43 -4.18
C PHE A 5 2.87 -2.23 -3.19
N LYS A 6 2.39 -1.01 -3.50
CA LYS A 6 2.39 0.14 -2.55
C LYS A 6 1.49 0.00 -1.27
N LYS A 7 0.39 -0.80 -1.29
CA LYS A 7 -0.49 -1.02 -0.10
C LYS A 7 0.24 -1.55 1.18
N PHE A 8 1.19 -2.50 1.10
CA PHE A 8 2.11 -2.87 2.24
C PHE A 8 2.61 -1.69 3.16
N DLE A 9 3.28 -0.69 2.56
CA DLE A 9 3.64 0.59 3.24
CB DLE A 9 4.93 0.39 4.11
CG DLE A 9 6.05 1.45 3.91
CD1 DLE A 9 6.82 1.22 2.58
CD2 DLE A 9 7.06 1.42 5.08
C DLE A 9 2.47 1.40 3.93
O DLE A 9 2.58 1.90 5.05
H DLE A 9 3.41 -0.82 1.56
HA DLE A 9 3.94 1.27 2.41
HB2 DLE A 9 5.37 -0.62 3.95
HB3 DLE A 9 4.63 0.35 5.18
HG DLE A 9 5.59 2.46 3.89
HD11 DLE A 9 7.32 0.24 2.56
HD12 DLE A 9 7.60 1.99 2.42
HD13 DLE A 9 6.15 1.27 1.71
HD21 DLE A 9 7.55 0.44 5.17
HD22 DLE A 9 6.56 1.63 6.04
HD23 DLE A 9 7.86 2.18 4.95
N GLU A 10 1.33 1.50 3.22
CA GLU A 10 0.08 2.17 3.72
C GLU A 10 -0.95 1.24 4.49
N ARG A 11 -0.56 0.02 4.91
CA ARG A 11 -1.45 -1.01 5.52
C ARG A 11 -1.11 -1.28 7.01
N ILE A 12 0.17 -1.53 7.35
CA ILE A 12 0.64 -1.58 8.78
C ILE A 12 0.44 -0.20 9.52
N LEU A 13 0.78 0.94 8.88
CA LEU A 13 0.66 2.29 9.49
C LEU A 13 -0.45 3.13 8.79
N NH2 A 14 -0.32 3.53 7.53
HN1 NH2 A 14 -1.14 4.05 7.17
HN2 NH2 A 14 0.52 3.26 7.02
N PHE A 1 -5.26 7.17 -6.06
CA PHE A 1 -4.39 6.37 -6.98
C PHE A 1 -4.74 4.85 -6.97
N VAL A 2 -3.96 4.01 -7.68
CA VAL A 2 -4.12 2.53 -7.64
C VAL A 2 -3.00 1.93 -6.71
N PRO A 3 -3.22 1.58 -5.41
CA PRO A 3 -2.17 0.94 -4.57
C PRO A 3 -2.02 -0.59 -4.84
N TRP A 4 -1.11 -0.94 -5.77
CA TRP A 4 -0.72 -2.36 -6.04
C TRP A 4 0.23 -2.91 -4.92
N PHE A 5 1.52 -2.60 -4.98
CA PHE A 5 2.55 -3.14 -4.04
C PHE A 5 2.89 -2.16 -2.86
N LYS A 6 2.86 -0.83 -3.08
CA LYS A 6 2.68 0.18 -1.98
C LYS A 6 1.49 -0.02 -0.97
N LYS A 7 0.45 -0.81 -1.31
CA LYS A 7 -0.55 -1.32 -0.33
C LYS A 7 0.04 -1.97 0.97
N PHE A 8 1.17 -2.70 0.93
CA PHE A 8 1.94 -3.07 2.17
C PHE A 8 2.31 -1.87 3.11
N DLE A 9 3.02 -0.83 2.60
CA DLE A 9 3.40 0.38 3.39
CB DLE A 9 4.63 0.03 4.29
CG DLE A 9 5.58 1.21 4.65
CD1 DLE A 9 6.48 1.60 3.47
CD2 DLE A 9 6.47 0.81 5.85
C DLE A 9 2.22 1.12 4.12
O DLE A 9 2.21 1.30 5.34
H DLE A 9 3.22 -0.92 1.59
HA DLE A 9 3.76 1.11 2.63
HB2 DLE A 9 5.24 -0.77 3.82
HB3 DLE A 9 4.25 -0.45 5.21
HG DLE A 9 4.97 2.08 4.96
HD11 DLE A 9 5.91 1.96 2.60
HD12 DLE A 9 7.11 0.76 3.13
HD13 DLE A 9 7.17 2.42 3.74
HD21 DLE A 9 5.87 0.57 6.74
HD22 DLE A 9 7.16 1.63 6.14
HD23 DLE A 9 7.09 -0.08 5.63
N GLU A 10 1.18 1.51 3.34
CA GLU A 10 -0.11 2.01 3.89
C GLU A 10 -1.08 0.98 4.59
N ARG A 11 -0.88 -0.36 4.48
CA ARG A 11 -1.42 -1.35 5.45
C ARG A 11 -0.80 -1.26 6.89
N ILE A 12 0.53 -1.11 7.02
CA ILE A 12 1.21 -0.89 8.34
C ILE A 12 0.80 0.48 9.01
N LEU A 13 0.86 1.61 8.29
CA LEU A 13 0.62 2.97 8.87
C LEU A 13 -0.78 3.53 8.44
N NH2 A 14 -0.99 4.01 7.24
HN1 NH2 A 14 -1.97 4.27 7.07
HN2 NH2 A 14 -0.23 3.94 6.56
#